data_6KVL
#
_entry.id   6KVL
#
_cell.length_a   97.463
_cell.length_b   97.463
_cell.length_c   89.899
_cell.angle_alpha   90.000
_cell.angle_beta   90.000
_cell.angle_gamma   120.000
#
_symmetry.space_group_name_H-M   'P 31 2 1'
#
loop_
_entity.id
_entity.type
_entity.pdbx_description
1 polymer 'UDP-glycosyltransferase 76G1'
2 non-polymer "URIDINE-5'-DIPHOSPHATE"
3 non-polymer '(8alpha,9beta,10alpha,13alpha)-13-{[beta-D-glucopyranosyl-(1->2)-[beta-D-glucopyranosyl-(1->3)]-beta-D-glucopyranosyl]oxy}kaur-16-en-18-oic acid'
4 water water
#
_entity_poly.entity_id   1
_entity_poly.type   'polypeptide(L)'
_entity_poly.pdbx_seq_one_letter_code
;MMENKTETTVRRRRRIILFPVPFQGHINPILQLANVLYSKGFSITIFHTNFNKPKTSNYPHFTFRFILDNDPQDERISNL
PTHGPLAGMRIPIINEHGADELRRELELLMLASEEDEEVSCLITDALWYFAQSVADSLNLRRLVLMTSSLFNFHAHVSLP
QFDELGYLDPDDKTRLEEQASGFPMLKVKDIKSAYSNWQILKEILGKMIKQTKASSGVIWNSFKELEESELETVIREIPA
PSFLIPLPKHLTASSSSLLDHDRTVFQWLDQQPPSSVLYVSFGSTSEVDEKDFLEIARGLVDSKQSFLWVVRPGFVKGST
WVEPLPDGFLGERGRIVKWVPQQEVLAHGAIGAFWTHSGWNSTLESVCEGVPMIFSDFGLDQPLNARYMSDVLKVGVYLE
NGWERGEIANAIRRVMVDEEGEYIRQNARVLKQKADVSLMKGGSSYESLESLVSYISSLTS
;
_entity_poly.pdbx_strand_id   A
#
# COMPACT_ATOMS: atom_id res chain seq x y z
N ARG A 13 -4.17 30.78 9.52
CA ARG A 13 -3.91 29.36 9.52
C ARG A 13 -4.88 28.63 8.59
N ARG A 14 -4.46 27.48 8.09
CA ARG A 14 -5.26 26.68 7.18
C ARG A 14 -5.26 25.24 7.67
N ARG A 15 -6.45 24.66 7.75
CA ARG A 15 -6.63 23.29 8.23
C ARG A 15 -6.94 22.37 7.05
N ILE A 16 -6.41 21.16 7.12
CA ILE A 16 -6.72 20.10 6.16
C ILE A 16 -7.35 18.95 6.93
N ILE A 17 -8.48 18.46 6.43
CA ILE A 17 -9.12 17.28 6.99
C ILE A 17 -8.75 16.10 6.11
N LEU A 18 -8.24 15.04 6.72
CA LEU A 18 -7.91 13.82 6.00
C LEU A 18 -8.79 12.68 6.51
N PHE A 19 -9.20 11.80 5.60
CA PHE A 19 -10.18 10.77 5.88
C PHE A 19 -9.64 9.47 5.30
N PRO A 20 -8.97 8.63 6.09
CA PRO A 20 -8.39 7.40 5.58
C PRO A 20 -9.37 6.24 5.54
N VAL A 21 -9.01 5.24 4.73
CA VAL A 21 -9.61 3.92 4.85
C VAL A 21 -8.95 3.21 6.02
N PRO A 22 -9.72 2.63 6.94
CA PRO A 22 -9.13 2.14 8.20
C PRO A 22 -8.50 0.76 8.05
N PHE A 23 -7.50 0.67 7.18
CA PHE A 23 -6.63 -0.50 7.13
C PHE A 23 -5.18 -0.05 7.04
N GLN A 24 -4.27 -0.94 7.48
CA GLN A 24 -2.87 -0.56 7.66
C GLN A 24 -2.26 0.06 6.40
N GLY A 25 -2.53 -0.55 5.23
CA GLY A 25 -2.03 -0.06 3.97
C GLY A 25 -2.63 1.24 3.49
N HIS A 26 -3.63 1.74 4.20
CA HIS A 26 -4.28 2.99 3.85
C HIS A 26 -4.10 4.06 4.90
N ILE A 27 -4.11 3.68 6.18
CA ILE A 27 -3.80 4.63 7.24
C ILE A 27 -2.34 5.09 7.15
N ASN A 28 -1.42 4.18 6.82
CA ASN A 28 0.00 4.54 6.77
C ASN A 28 0.27 5.69 5.80
N PRO A 29 -0.05 5.58 4.51
CA PRO A 29 0.26 6.69 3.60
C PRO A 29 -0.50 7.95 3.91
N ILE A 30 -1.74 7.86 4.41
CA ILE A 30 -2.44 9.12 4.62
C ILE A 30 -1.90 9.87 5.83
N LEU A 31 -1.40 9.16 6.86
CA LEU A 31 -0.79 9.90 7.97
C LEU A 31 0.65 10.32 7.67
N GLN A 32 1.37 9.63 6.80
CA GLN A 32 2.60 10.20 6.25
C GLN A 32 2.29 11.53 5.53
N LEU A 33 1.30 11.51 4.64
CA LEU A 33 0.92 12.75 3.96
C LEU A 33 0.50 13.84 4.94
N ALA A 34 -0.26 13.47 5.97
CA ALA A 34 -0.67 14.45 6.98
C ALA A 34 0.55 15.08 7.66
N ASN A 35 1.56 14.28 7.97
CA ASN A 35 2.78 14.82 8.59
C ASN A 35 3.52 15.73 7.63
N VAL A 36 3.62 15.33 6.35
CA VAL A 36 4.28 16.19 5.38
C VAL A 36 3.56 17.52 5.28
N LEU A 37 2.23 17.49 5.25
CA LEU A 37 1.46 18.73 5.15
C LEU A 37 1.58 19.55 6.43
N TYR A 38 1.58 18.88 7.59
CA TYR A 38 1.81 19.59 8.86
C TYR A 38 3.15 20.32 8.83
N SER A 39 4.20 19.65 8.36
CA SER A 39 5.50 20.28 8.23
C SER A 39 5.46 21.52 7.34
N LYS A 40 4.48 21.61 6.45
CA LYS A 40 4.34 22.75 5.56
C LYS A 40 3.46 23.85 6.15
N GLY A 41 3.05 23.72 7.42
CA GLY A 41 2.33 24.77 8.09
C GLY A 41 0.82 24.62 8.15
N PHE A 42 0.25 23.49 7.74
CA PHE A 42 -1.19 23.27 7.84
C PHE A 42 -1.53 22.62 9.17
N SER A 43 -2.67 23.00 9.74
CA SER A 43 -3.18 22.17 10.82
C SER A 43 -3.90 20.96 10.24
N ILE A 44 -4.09 19.94 11.08
CA ILE A 44 -4.49 18.62 10.61
C ILE A 44 -5.60 18.10 11.51
N THR A 45 -6.69 17.67 10.89
CA THR A 45 -7.74 16.91 11.54
C THR A 45 -7.88 15.60 10.77
N ILE A 46 -7.93 14.49 11.51
CA ILE A 46 -8.13 13.16 10.93
C ILE A 46 -9.54 12.70 11.30
N PHE A 47 -10.36 12.44 10.28
CA PHE A 47 -11.61 11.73 10.46
C PHE A 47 -11.34 10.24 10.34
N HIS A 48 -11.76 9.46 11.35
CA HIS A 48 -11.44 8.03 11.34
C HIS A 48 -12.55 7.24 11.99
N THR A 49 -12.72 6.00 11.53
CA THR A 49 -13.62 5.09 12.23
C THR A 49 -13.01 4.68 13.55
N ASN A 50 -13.85 4.33 14.51
CA ASN A 50 -13.33 3.69 15.71
C ASN A 50 -12.60 2.40 15.35
N PHE A 51 -13.16 1.64 14.41
CA PHE A 51 -12.55 0.41 13.95
C PHE A 51 -11.14 0.67 13.40
N ASN A 52 -10.19 -0.17 13.81
CA ASN A 52 -8.81 -0.12 13.34
C ASN A 52 -8.17 1.26 13.55
N LYS A 53 -8.61 1.98 14.58
CA LYS A 53 -8.03 3.30 14.81
C LYS A 53 -6.55 3.16 15.13
N PRO A 54 -5.73 4.11 14.72
CA PRO A 54 -4.33 4.15 15.15
C PRO A 54 -4.25 4.78 16.54
N LYS A 55 -3.04 4.80 17.10
CA LYS A 55 -2.82 5.33 18.45
C LYS A 55 -2.79 6.84 18.41
N THR A 56 -3.88 7.48 18.83
CA THR A 56 -3.92 8.94 18.74
C THR A 56 -2.92 9.60 19.66
N SER A 57 -2.47 8.91 20.71
CA SER A 57 -1.46 9.53 21.56
C SER A 57 -0.13 9.69 20.82
N ASN A 58 0.08 8.97 19.72
CA ASN A 58 1.27 9.18 18.89
C ASN A 58 1.23 10.47 18.10
N TYR A 59 0.08 11.15 18.03
CA TYR A 59 -0.10 12.31 17.16
C TYR A 59 -0.62 13.49 17.97
N PRO A 60 0.15 13.98 18.95
CA PRO A 60 -0.31 15.14 19.73
C PRO A 60 -0.56 16.37 18.88
N HIS A 61 0.02 16.45 17.68
CA HIS A 61 -0.12 17.61 16.80
C HIS A 61 -1.32 17.51 15.85
N PHE A 62 -2.04 16.39 15.86
CA PHE A 62 -3.25 16.19 15.07
C PHE A 62 -4.47 16.16 15.98
N THR A 63 -5.60 16.64 15.47
CA THR A 63 -6.91 16.41 16.10
C THR A 63 -7.60 15.23 15.40
N PHE A 64 -8.06 14.26 16.18
CA PHE A 64 -8.79 13.11 15.66
C PHE A 64 -10.26 13.28 15.99
N ARG A 65 -11.12 12.91 15.03
CA ARG A 65 -12.57 12.89 15.21
C ARG A 65 -13.09 11.56 14.70
N PHE A 66 -13.70 10.77 15.59
CA PHE A 66 -14.13 9.41 15.24
C PHE A 66 -15.57 9.41 14.76
N ILE A 67 -15.81 8.78 13.60
CA ILE A 67 -17.06 8.91 12.87
C ILE A 67 -17.48 7.56 12.29
N LEU A 68 -18.77 7.50 11.89
CA LEU A 68 -19.35 6.43 11.08
C LEU A 68 -19.47 5.10 11.82
N ASP A 69 -18.81 5.03 12.97
CA ASP A 69 -18.57 3.81 13.73
C ASP A 69 -19.10 3.95 15.14
N ASN A 70 -19.60 5.10 15.49
CA ASN A 70 -19.93 5.40 16.84
C ASN A 70 -21.11 4.58 17.35
N ASP A 71 -21.14 4.27 18.63
CA ASP A 71 -22.30 3.67 19.29
C ASP A 71 -23.49 4.57 19.34
N PRO A 72 -24.65 4.07 18.97
CA PRO A 72 -24.78 2.65 18.66
C PRO A 72 -24.71 2.43 17.18
N GLN A 73 -24.18 1.28 16.81
CA GLN A 73 -23.80 1.05 15.47
C GLN A 73 -24.99 0.73 14.60
N ASP A 74 -24.90 1.19 13.37
CA ASP A 74 -25.86 0.83 12.33
C ASP A 74 -25.98 -0.69 12.21
N GLU A 75 -27.21 -1.16 11.96
CA GLU A 75 -27.42 -2.58 11.67
C GLU A 75 -26.50 -3.09 10.57
N ARG A 76 -26.01 -2.20 9.70
CA ARG A 76 -25.22 -2.61 8.55
C ARG A 76 -23.76 -2.91 8.88
N ILE A 77 -23.22 -2.36 9.97
CA ILE A 77 -21.84 -2.63 10.35
C ILE A 77 -21.70 -3.23 11.74
N SER A 78 -22.77 -3.27 12.54
CA SER A 78 -22.62 -3.60 13.96
C SER A 78 -22.03 -5.00 14.16
N ASN A 79 -22.20 -5.91 13.19
CA ASN A 79 -21.76 -7.28 13.36
C ASN A 79 -20.74 -7.72 12.32
N LEU A 80 -20.05 -6.77 11.67
CA LEU A 80 -19.00 -7.16 10.74
C LEU A 80 -17.76 -7.60 11.51
N PRO A 81 -17.10 -8.68 11.08
CA PRO A 81 -15.88 -9.10 11.75
C PRO A 81 -14.83 -8.01 11.77
N THR A 82 -14.04 -8.01 12.83
CA THR A 82 -12.96 -7.04 12.97
C THR A 82 -11.65 -7.52 12.38
N HIS A 83 -11.53 -8.81 12.04
CA HIS A 83 -10.32 -9.33 11.40
C HIS A 83 -10.72 -10.25 10.26
N GLY A 84 -9.71 -10.77 9.58
CA GLY A 84 -9.94 -11.69 8.49
C GLY A 84 -10.34 -10.97 7.23
N PRO A 85 -10.75 -11.74 6.22
CA PRO A 85 -11.04 -11.11 4.92
C PRO A 85 -12.18 -10.13 4.98
N LEU A 86 -13.31 -10.52 5.59
CA LEU A 86 -14.57 -9.80 5.50
C LEU A 86 -14.58 -8.48 6.25
N ALA A 87 -13.56 -8.17 7.05
CA ALA A 87 -13.51 -6.85 7.67
C ALA A 87 -13.61 -5.75 6.62
N GLY A 88 -13.10 -6.00 5.41
CA GLY A 88 -13.14 -5.05 4.32
C GLY A 88 -14.53 -4.72 3.83
N MET A 89 -15.56 -5.48 4.25
CA MET A 89 -16.92 -5.13 3.85
C MET A 89 -17.28 -3.71 4.29
N ARG A 90 -16.58 -3.15 5.27
CA ARG A 90 -16.87 -1.79 5.71
C ARG A 90 -16.69 -0.77 4.60
N ILE A 91 -15.91 -1.07 3.57
CA ILE A 91 -15.59 -0.09 2.53
C ILE A 91 -16.82 0.14 1.64
N PRO A 92 -17.40 -0.91 1.05
CA PRO A 92 -18.65 -0.71 0.28
C PRO A 92 -19.77 -0.17 1.14
N ILE A 93 -19.89 -0.63 2.39
CA ILE A 93 -20.99 -0.19 3.24
C ILE A 93 -20.87 1.30 3.53
N ILE A 94 -19.67 1.77 3.90
CA ILE A 94 -19.54 3.17 4.24
C ILE A 94 -19.76 4.04 3.00
N ASN A 95 -19.26 3.60 1.86
CA ASN A 95 -19.53 4.31 0.61
C ASN A 95 -21.02 4.42 0.34
N GLU A 96 -21.78 3.36 0.62
CA GLU A 96 -23.20 3.39 0.30
C GLU A 96 -24.01 4.22 1.27
N HIS A 97 -23.58 4.31 2.52
CA HIS A 97 -24.46 4.85 3.55
C HIS A 97 -23.84 5.94 4.42
N GLY A 98 -22.55 6.26 4.24
CA GLY A 98 -21.93 7.20 5.14
C GLY A 98 -22.08 8.66 4.79
N ALA A 99 -22.72 8.99 3.67
CA ALA A 99 -22.69 10.37 3.17
C ALA A 99 -23.27 11.35 4.18
N ASP A 100 -24.47 11.05 4.71
CA ASP A 100 -25.15 12.01 5.58
C ASP A 100 -24.31 12.33 6.82
N GLU A 101 -23.75 11.28 7.45
CA GLU A 101 -22.96 11.52 8.66
C GLU A 101 -21.67 12.28 8.33
N LEU A 102 -21.00 11.92 7.23
CA LEU A 102 -19.80 12.66 6.84
C LEU A 102 -20.12 14.14 6.64
N ARG A 103 -21.25 14.43 5.99
CA ARG A 103 -21.59 15.84 5.79
C ARG A 103 -21.82 16.54 7.11
N ARG A 104 -22.51 15.87 8.04
CA ARG A 104 -22.75 16.47 9.35
C ARG A 104 -21.44 16.77 10.06
N GLU A 105 -20.51 15.81 10.04
CA GLU A 105 -19.25 15.98 10.76
C GLU A 105 -18.41 17.10 10.15
N LEU A 106 -18.40 17.19 8.81
CA LEU A 106 -17.69 18.27 8.15
C LEU A 106 -18.29 19.63 8.50
N GLU A 107 -19.62 19.72 8.49
CA GLU A 107 -20.27 20.99 8.83
C GLU A 107 -20.04 21.37 10.29
N LEU A 108 -20.23 20.42 11.21
CA LEU A 108 -19.89 20.63 12.61
C LEU A 108 -18.53 21.30 12.74
N LEU A 109 -17.50 20.65 12.21
CA LEU A 109 -16.15 21.16 12.35
C LEU A 109 -16.01 22.51 11.67
N MET A 110 -16.58 22.68 10.48
CA MET A 110 -16.49 23.98 9.81
C MET A 110 -17.21 25.05 10.61
N LEU A 111 -18.33 24.70 11.25
CA LEU A 111 -19.09 25.66 12.05
C LEU A 111 -18.28 26.12 13.26
N ALA A 112 -17.53 25.21 13.89
CA ALA A 112 -16.74 25.56 15.06
C ALA A 112 -15.40 26.21 14.72
N SER A 113 -15.09 26.38 13.43
CA SER A 113 -13.79 26.90 13.05
C SER A 113 -13.55 28.30 13.64
N GLU A 114 -12.30 28.57 14.00
CA GLU A 114 -11.91 29.89 14.44
C GLU A 114 -11.89 30.86 13.25
N GLU A 115 -11.76 32.15 13.57
CA GLU A 115 -11.95 33.18 12.54
C GLU A 115 -10.76 33.27 11.60
N ASP A 116 -9.55 33.28 12.14
CA ASP A 116 -8.36 33.28 11.30
C ASP A 116 -8.05 31.90 10.72
N GLU A 117 -8.90 30.91 10.97
CA GLU A 117 -8.69 29.55 10.51
C GLU A 117 -9.77 29.16 9.49
N GLU A 118 -9.33 28.52 8.42
CA GLU A 118 -10.24 28.05 7.39
C GLU A 118 -9.83 26.64 6.97
N VAL A 119 -10.82 25.83 6.60
CA VAL A 119 -10.55 24.49 6.08
C VAL A 119 -10.22 24.65 4.59
N SER A 120 -8.97 24.38 4.23
CA SER A 120 -8.56 24.48 2.83
C SER A 120 -9.24 23.42 1.98
N CYS A 121 -9.25 22.17 2.45
CA CYS A 121 -9.71 21.07 1.60
C CYS A 121 -9.89 19.83 2.47
N LEU A 122 -10.55 18.84 1.86
CA LEU A 122 -10.68 17.48 2.37
C LEU A 122 -9.83 16.56 1.49
N ILE A 123 -9.03 15.71 2.12
CA ILE A 123 -8.25 14.69 1.40
C ILE A 123 -8.75 13.34 1.86
N THR A 124 -9.23 12.53 0.94
CA THR A 124 -9.70 11.19 1.29
C THR A 124 -8.92 10.15 0.51
N ASP A 125 -8.89 8.95 1.07
CA ASP A 125 -8.52 7.78 0.30
C ASP A 125 -9.32 7.75 -0.98
N ALA A 126 -8.68 7.30 -2.07
CA ALA A 126 -9.37 7.21 -3.35
C ALA A 126 -10.59 6.29 -3.28
N LEU A 127 -10.57 5.30 -2.38
CA LEU A 127 -11.68 4.35 -2.27
C LEU A 127 -12.92 4.95 -1.62
N TRP A 128 -12.81 6.11 -0.96
CA TRP A 128 -14.01 6.80 -0.48
C TRP A 128 -14.58 7.68 -1.58
N TYR A 129 -15.05 7.05 -2.66
CA TYR A 129 -15.64 7.83 -3.75
C TYR A 129 -16.89 8.58 -3.30
N PHE A 130 -17.55 8.13 -2.22
CA PHE A 130 -18.78 8.81 -1.80
C PHE A 130 -18.51 10.20 -1.30
N ALA A 131 -17.27 10.51 -0.90
CA ALA A 131 -16.98 11.80 -0.27
C ALA A 131 -16.97 12.94 -1.27
N GLN A 132 -16.91 12.65 -2.58
CA GLN A 132 -16.87 13.75 -3.54
C GLN A 132 -18.16 14.56 -3.51
N SER A 133 -19.32 13.91 -3.63
CA SER A 133 -20.53 14.73 -3.66
C SER A 133 -20.81 15.37 -2.31
N VAL A 134 -20.39 14.73 -1.21
CA VAL A 134 -20.48 15.37 0.10
C VAL A 134 -19.68 16.67 0.12
N ALA A 135 -18.42 16.60 -0.33
CA ALA A 135 -17.57 17.80 -0.37
C ALA A 135 -18.18 18.87 -1.28
N ASP A 136 -18.57 18.48 -2.51
CA ASP A 136 -19.25 19.42 -3.40
C ASP A 136 -20.40 20.13 -2.69
N SER A 137 -21.22 19.37 -1.96
CA SER A 137 -22.43 19.94 -1.33
C SER A 137 -22.09 20.97 -0.27
N LEU A 138 -20.83 21.04 0.15
CA LEU A 138 -20.36 22.00 1.15
C LEU A 138 -19.49 23.07 0.54
N ASN A 139 -19.36 23.09 -0.78
CA ASN A 139 -18.38 23.94 -1.45
C ASN A 139 -16.99 23.74 -0.86
N LEU A 140 -16.66 22.49 -0.56
CA LEU A 140 -15.36 22.09 -0.04
C LEU A 140 -14.62 21.30 -1.11
N ARG A 141 -13.40 21.71 -1.43
CA ARG A 141 -12.59 20.96 -2.39
C ARG A 141 -12.14 19.65 -1.79
N ARG A 142 -12.15 18.59 -2.60
CA ARG A 142 -11.69 17.28 -2.20
C ARG A 142 -10.51 16.88 -3.06
N LEU A 143 -9.41 16.50 -2.41
CA LEU A 143 -8.30 15.87 -3.09
C LEU A 143 -8.27 14.40 -2.71
N VAL A 144 -7.72 13.59 -3.61
CA VAL A 144 -7.72 12.15 -3.50
C VAL A 144 -6.29 11.70 -3.24
N LEU A 145 -6.09 10.81 -2.27
CA LEU A 145 -4.81 10.14 -2.11
C LEU A 145 -4.92 8.74 -2.70
N MET A 146 -4.11 8.46 -3.72
CA MET A 146 -3.97 7.10 -4.25
C MET A 146 -2.96 6.35 -3.40
N THR A 147 -3.36 5.22 -2.84
CA THR A 147 -2.46 4.40 -2.04
C THR A 147 -1.89 3.25 -2.84
N SER A 148 -2.25 3.13 -4.10
CA SER A 148 -1.63 2.14 -4.97
C SER A 148 -1.09 2.89 -6.20
N SER A 149 -0.46 2.14 -7.10
CA SER A 149 0.46 2.72 -8.07
C SER A 149 -0.27 3.31 -9.28
N LEU A 150 0.44 4.18 -10.02
CA LEU A 150 -0.07 4.66 -11.30
C LEU A 150 -0.29 3.49 -12.26
N PHE A 151 0.59 2.49 -12.22
CA PHE A 151 0.46 1.36 -13.13
C PHE A 151 -0.86 0.65 -12.91
N ASN A 152 -1.28 0.53 -11.64
CA ASN A 152 -2.55 -0.12 -11.35
C ASN A 152 -3.73 0.73 -11.79
N PHE A 153 -3.66 2.04 -11.57
CA PHE A 153 -4.72 2.90 -12.09
C PHE A 153 -4.85 2.72 -13.59
N HIS A 154 -3.72 2.66 -14.29
CA HIS A 154 -3.74 2.46 -15.73
C HIS A 154 -4.49 1.18 -16.08
N ALA A 155 -4.24 0.10 -15.33
CA ALA A 155 -4.96 -1.15 -15.54
C ALA A 155 -6.46 -0.98 -15.29
N HIS A 156 -6.83 -0.26 -14.21
CA HIS A 156 -8.24 -0.04 -13.91
C HIS A 156 -8.98 0.62 -15.06
N VAL A 157 -8.39 1.68 -15.63
CA VAL A 157 -9.08 2.38 -16.70
C VAL A 157 -9.18 1.50 -17.94
N SER A 158 -8.32 0.49 -18.06
CA SER A 158 -8.32 -0.46 -19.17
C SER A 158 -9.30 -1.62 -18.98
N LEU A 159 -10.02 -1.67 -17.87
CA LEU A 159 -10.90 -2.81 -17.61
C LEU A 159 -11.91 -3.06 -18.71
N PRO A 160 -12.55 -2.06 -19.31
CA PRO A 160 -13.46 -2.35 -20.42
C PRO A 160 -12.81 -3.16 -21.52
N GLN A 161 -11.57 -2.83 -21.91
CA GLN A 161 -10.88 -3.63 -22.92
C GLN A 161 -10.57 -5.02 -22.38
N PHE A 162 -10.26 -5.12 -21.11
CA PHE A 162 -9.95 -6.39 -20.53
C PHE A 162 -11.22 -7.25 -20.56
N ASP A 163 -12.35 -6.63 -20.30
CA ASP A 163 -13.61 -7.31 -20.22
C ASP A 163 -14.01 -7.90 -21.56
N GLU A 164 -13.98 -7.07 -22.60
CA GLU A 164 -14.13 -7.45 -23.99
C GLU A 164 -13.30 -8.59 -24.49
N LEU A 165 -12.07 -8.70 -24.04
CA LEU A 165 -11.18 -9.75 -24.47
C LEU A 165 -11.33 -11.05 -23.70
N GLY A 166 -12.21 -11.08 -22.73
CA GLY A 166 -12.46 -12.28 -21.97
C GLY A 166 -11.59 -12.52 -20.77
N TYR A 167 -10.69 -11.57 -20.50
CA TYR A 167 -9.73 -11.68 -19.43
C TYR A 167 -10.37 -11.74 -18.08
N LEU A 168 -11.51 -11.11 -17.94
CA LEU A 168 -12.15 -11.04 -16.66
C LEU A 168 -13.04 -12.23 -16.38
N ASP A 169 -13.22 -13.11 -17.35
CA ASP A 169 -13.99 -14.31 -17.15
C ASP A 169 -13.15 -15.40 -16.57
N PRO A 170 -13.50 -15.77 -15.38
CA PRO A 170 -12.76 -16.75 -14.60
C PRO A 170 -12.82 -18.15 -15.16
N ASP A 171 -13.87 -18.48 -15.90
CA ASP A 171 -13.95 -19.81 -16.47
C ASP A 171 -13.20 -19.92 -17.79
N ASP A 172 -12.80 -18.79 -18.35
CA ASP A 172 -11.98 -18.72 -19.55
C ASP A 172 -10.51 -18.77 -19.21
N LYS A 173 -9.93 -19.97 -19.23
CA LYS A 173 -8.66 -20.26 -18.64
C LYS A 173 -7.63 -20.43 -19.70
N THR A 174 -7.73 -19.66 -20.77
CA THR A 174 -6.98 -19.97 -21.95
C THR A 174 -5.59 -19.38 -22.06
N ARG A 175 -5.48 -18.06 -22.14
CA ARG A 175 -4.31 -17.45 -22.74
C ARG A 175 -3.30 -17.00 -21.66
N LEU A 176 -3.10 -17.84 -20.67
CA LEU A 176 -2.68 -17.44 -19.35
C LEU A 176 -1.29 -16.87 -19.41
N GLU A 177 -0.40 -17.48 -20.16
CA GLU A 177 0.98 -17.06 -20.17
C GLU A 177 1.30 -16.05 -21.25
N GLU A 178 0.30 -15.58 -21.94
CA GLU A 178 0.51 -14.63 -23.00
C GLU A 178 0.60 -13.22 -22.46
N GLN A 179 1.35 -12.40 -23.14
CA GLN A 179 1.19 -10.98 -23.05
C GLN A 179 -0.25 -10.54 -23.23
N ALA A 180 -0.72 -9.66 -22.35
CA ALA A 180 -2.01 -9.03 -22.49
C ALA A 180 -2.06 -8.06 -23.65
N SER A 181 -3.19 -8.02 -24.33
CA SER A 181 -3.31 -7.42 -25.66
C SER A 181 -2.76 -6.09 -26.12
N GLY A 182 -3.21 -5.04 -25.49
CA GLY A 182 -2.63 -3.75 -25.75
C GLY A 182 -2.18 -3.26 -24.41
N PHE A 183 -1.69 -4.19 -23.61
CA PHE A 183 -1.17 -3.90 -22.30
C PHE A 183 -0.10 -4.92 -22.04
N PRO A 184 0.95 -4.87 -22.82
CA PRO A 184 1.97 -5.93 -22.89
C PRO A 184 2.94 -6.01 -21.77
N MET A 185 2.90 -5.06 -20.85
CA MET A 185 3.58 -5.15 -19.58
C MET A 185 3.08 -6.25 -18.64
N LEU A 186 1.84 -6.71 -18.83
CA LEU A 186 1.21 -7.74 -18.07
C LEU A 186 1.06 -9.02 -18.86
N LYS A 187 0.98 -10.12 -18.14
CA LYS A 187 0.53 -11.40 -18.65
C LYS A 187 -0.94 -11.60 -18.27
N VAL A 188 -1.65 -12.36 -19.11
CA VAL A 188 -3.09 -12.54 -18.88
C VAL A 188 -3.36 -13.04 -17.47
N LYS A 189 -2.55 -13.99 -17.00
CA LYS A 189 -2.72 -14.50 -15.63
C LYS A 189 -2.67 -13.37 -14.59
N ASP A 190 -1.83 -12.35 -14.82
CA ASP A 190 -1.79 -11.21 -13.90
C ASP A 190 -3.17 -10.56 -13.78
N ILE A 191 -3.78 -10.27 -14.94
CA ILE A 191 -5.07 -9.60 -14.94
C ILE A 191 -6.13 -10.47 -14.28
N LYS A 192 -6.03 -11.79 -14.46
CA LYS A 192 -7.06 -12.69 -13.95
C LYS A 192 -7.08 -12.72 -12.43
N SER A 193 -5.89 -12.73 -11.79
CA SER A 193 -5.86 -12.71 -10.33
C SER A 193 -6.17 -11.31 -9.79
N ALA A 194 -5.65 -10.28 -10.44
CA ALA A 194 -5.91 -8.92 -9.98
C ALA A 194 -7.40 -8.63 -9.91
N TYR A 195 -8.16 -9.17 -10.86
CA TYR A 195 -9.59 -8.87 -10.98
C TYR A 195 -10.47 -10.10 -10.79
N SER A 196 -10.03 -11.06 -9.97
CA SER A 196 -10.85 -12.24 -9.74
C SER A 196 -12.10 -11.92 -8.92
N ASN A 197 -12.05 -10.91 -8.06
CA ASN A 197 -13.25 -10.45 -7.33
C ASN A 197 -14.01 -9.45 -8.21
N TRP A 198 -14.40 -9.94 -9.38
CA TRP A 198 -14.86 -9.04 -10.43
C TRP A 198 -16.24 -8.48 -10.13
N GLN A 199 -17.11 -9.28 -9.50
CA GLN A 199 -18.46 -8.80 -9.22
C GLN A 199 -18.44 -7.57 -8.32
N ILE A 200 -17.53 -7.55 -7.34
CA ILE A 200 -17.44 -6.40 -6.45
C ILE A 200 -16.57 -5.31 -7.06
N LEU A 201 -15.42 -5.68 -7.63
CA LEU A 201 -14.46 -4.66 -8.05
C LEU A 201 -14.97 -3.83 -9.21
N LYS A 202 -15.76 -4.42 -10.12
CA LYS A 202 -16.18 -3.64 -11.28
C LYS A 202 -17.03 -2.45 -10.85
N GLU A 203 -17.90 -2.66 -9.86
CA GLU A 203 -18.69 -1.56 -9.33
C GLU A 203 -17.79 -0.53 -8.65
N ILE A 204 -16.98 -0.98 -7.69
CA ILE A 204 -16.19 -0.08 -6.86
C ILE A 204 -15.16 0.69 -7.70
N LEU A 205 -14.43 -0.02 -8.58
CA LEU A 205 -13.39 0.64 -9.34
C LEU A 205 -13.97 1.66 -10.32
N GLY A 206 -15.12 1.34 -10.93
CA GLY A 206 -15.75 2.30 -11.82
C GLY A 206 -16.08 3.60 -11.10
N LYS A 207 -16.62 3.50 -9.89
CA LYS A 207 -16.98 4.70 -9.14
C LYS A 207 -15.74 5.41 -8.60
N MET A 208 -14.74 4.64 -8.15
CA MET A 208 -13.46 5.24 -7.74
C MET A 208 -12.90 6.10 -8.87
N ILE A 209 -12.80 5.53 -10.07
CA ILE A 209 -12.28 6.30 -11.20
C ILE A 209 -13.10 7.56 -11.40
N LYS A 210 -14.43 7.41 -11.52
CA LYS A 210 -15.28 8.55 -11.84
C LYS A 210 -15.11 9.68 -10.83
N GLN A 211 -15.11 9.36 -9.54
CA GLN A 211 -15.01 10.39 -8.53
C GLN A 211 -13.57 10.87 -8.35
N THR A 212 -12.57 10.09 -8.76
CA THR A 212 -11.21 10.62 -8.80
C THR A 212 -11.05 11.64 -9.93
N LYS A 213 -11.58 11.33 -11.12
CA LYS A 213 -11.58 12.31 -12.22
C LYS A 213 -12.38 13.56 -11.88
N ALA A 214 -13.38 13.44 -11.00
CA ALA A 214 -14.15 14.61 -10.60
C ALA A 214 -13.50 15.40 -9.46
N SER A 215 -12.44 14.89 -8.85
CA SER A 215 -11.86 15.58 -7.70
C SER A 215 -11.08 16.82 -8.15
N SER A 216 -10.59 17.58 -7.16
CA SER A 216 -9.81 18.77 -7.41
C SER A 216 -8.31 18.49 -7.49
N GLY A 217 -7.90 17.24 -7.36
CA GLY A 217 -6.47 16.97 -7.42
C GLY A 217 -6.15 15.60 -6.87
N VAL A 218 -5.10 14.96 -7.38
CA VAL A 218 -4.80 13.58 -7.04
C VAL A 218 -3.35 13.47 -6.58
N ILE A 219 -3.15 12.96 -5.36
CA ILE A 219 -1.83 12.78 -4.78
C ILE A 219 -1.49 11.30 -4.92
N TRP A 220 -0.35 11.01 -5.55
CA TRP A 220 0.09 9.65 -5.77
C TRP A 220 1.29 9.36 -4.88
N ASN A 221 1.23 8.22 -4.17
CA ASN A 221 2.35 7.72 -3.37
C ASN A 221 3.27 6.99 -4.34
N SER A 222 4.16 7.74 -4.98
CA SER A 222 5.01 7.22 -6.06
C SER A 222 6.02 8.30 -6.36
N PHE A 223 6.85 8.07 -7.39
CA PHE A 223 7.65 9.16 -7.90
C PHE A 223 7.86 8.94 -9.39
N LYS A 224 8.12 10.05 -10.09
CA LYS A 224 8.12 10.02 -11.56
C LYS A 224 9.10 8.99 -12.11
N GLU A 225 10.28 8.90 -11.53
CA GLU A 225 11.26 7.96 -12.05
C GLU A 225 10.93 6.52 -11.68
N LEU A 226 9.90 6.29 -10.88
CA LEU A 226 9.44 4.94 -10.62
C LEU A 226 8.47 4.44 -11.67
N GLU A 227 7.59 5.31 -12.16
CA GLU A 227 6.52 4.89 -13.03
C GLU A 227 6.40 5.81 -14.23
N GLU A 228 7.54 6.15 -14.84
CA GLU A 228 7.56 7.09 -15.95
C GLU A 228 6.60 6.67 -17.06
N SER A 229 6.54 5.38 -17.36
CA SER A 229 5.69 4.90 -18.44
C SER A 229 4.21 5.16 -18.19
N GLU A 230 3.82 5.51 -16.97
CA GLU A 230 2.41 5.65 -16.60
C GLU A 230 1.94 7.09 -16.53
N LEU A 231 2.84 8.08 -16.58
CA LEU A 231 2.43 9.46 -16.36
C LEU A 231 1.48 9.95 -17.45
N GLU A 232 1.68 9.51 -18.68
CA GLU A 232 0.86 10.00 -19.77
C GLU A 232 -0.60 9.61 -19.56
N THR A 233 -0.82 8.36 -19.12
CA THR A 233 -2.18 7.89 -18.83
C THR A 233 -2.85 8.75 -17.77
N VAL A 234 -2.12 9.12 -16.72
CA VAL A 234 -2.68 9.91 -15.64
C VAL A 234 -3.03 11.32 -16.12
N ILE A 235 -2.15 11.92 -16.92
CA ILE A 235 -2.41 13.25 -17.45
C ILE A 235 -3.64 13.23 -18.35
N ARG A 236 -3.79 12.18 -19.14
CA ARG A 236 -4.91 12.08 -20.06
C ARG A 236 -6.21 11.70 -19.37
N GLU A 237 -6.17 10.88 -18.32
CA GLU A 237 -7.41 10.37 -17.74
C GLU A 237 -7.98 11.26 -16.66
N ILE A 238 -7.13 12.02 -15.97
CA ILE A 238 -7.56 12.77 -14.80
C ILE A 238 -7.38 14.25 -15.12
N PRO A 239 -8.47 15.03 -15.22
CA PRO A 239 -8.32 16.44 -15.60
C PRO A 239 -7.58 17.25 -14.54
N ALA A 240 -7.77 16.91 -13.28
CA ALA A 240 -7.18 17.71 -12.21
C ALA A 240 -5.69 17.42 -12.09
N PRO A 241 -4.95 18.31 -11.44
CA PRO A 241 -3.50 18.09 -11.31
C PRO A 241 -3.19 16.87 -10.46
N SER A 242 -2.15 16.14 -10.86
CA SER A 242 -1.61 15.01 -10.13
C SER A 242 -0.26 15.39 -9.52
N PHE A 243 0.02 14.84 -8.35
CA PHE A 243 1.23 15.14 -7.58
C PHE A 243 1.83 13.82 -7.14
N LEU A 244 3.07 13.53 -7.54
CA LEU A 244 3.73 12.27 -7.19
C LEU A 244 4.75 12.54 -6.10
N ILE A 245 4.48 12.04 -4.91
CA ILE A 245 5.34 12.23 -3.75
C ILE A 245 5.61 10.87 -3.13
N PRO A 246 6.86 10.43 -3.04
CA PRO A 246 7.13 9.13 -2.43
C PRO A 246 7.17 9.24 -0.92
N LEU A 247 6.03 8.98 -0.25
CA LEU A 247 5.91 9.28 1.16
C LEU A 247 6.95 8.58 2.04
N PRO A 248 7.34 7.33 1.78
CA PRO A 248 8.35 6.72 2.67
C PRO A 248 9.69 7.43 2.63
N LYS A 249 9.96 8.29 1.64
CA LYS A 249 11.21 9.06 1.66
C LYS A 249 11.13 10.25 2.59
N HIS A 250 9.92 10.70 2.90
CA HIS A 250 9.74 11.78 3.86
C HIS A 250 9.78 11.26 5.31
N LEU A 251 9.17 10.11 5.58
CA LEU A 251 9.15 9.56 6.94
C LEU A 251 8.56 8.15 6.91
N THR A 252 8.98 7.30 7.87
CA THR A 252 8.36 5.99 7.97
C THR A 252 6.97 6.11 8.58
N ALA A 253 6.22 5.01 8.50
CA ALA A 253 4.87 4.96 9.03
C ALA A 253 4.81 4.33 10.42
N SER A 254 5.91 4.38 11.18
CA SER A 254 5.93 3.65 12.45
C SER A 254 4.88 4.18 13.44
N SER A 255 4.56 5.47 13.40
CA SER A 255 3.61 6.02 14.36
C SER A 255 2.17 5.59 14.09
N SER A 256 1.86 5.13 12.88
CA SER A 256 0.49 4.69 12.58
C SER A 256 0.34 3.19 12.63
N SER A 257 1.33 2.47 13.17
CA SER A 257 1.21 1.03 13.29
C SER A 257 -0.03 0.69 14.10
N LEU A 258 -0.78 -0.30 13.63
CA LEU A 258 -1.96 -0.81 14.31
C LEU A 258 -1.64 -1.96 15.26
N LEU A 259 -0.41 -2.47 15.25
CA LEU A 259 0.01 -3.58 16.09
C LEU A 259 1.28 -3.18 16.83
N ASP A 260 1.57 -3.91 17.90
CA ASP A 260 2.76 -3.63 18.71
C ASP A 260 4.01 -4.08 17.97
N HIS A 261 5.04 -3.23 17.97
CA HIS A 261 6.31 -3.60 17.36
C HIS A 261 7.06 -4.59 18.25
N ASP A 262 7.64 -5.62 17.64
CA ASP A 262 8.50 -6.51 18.40
C ASP A 262 9.74 -5.75 18.90
N ARG A 263 10.55 -5.25 17.98
CA ARG A 263 11.71 -4.39 18.28
C ARG A 263 12.50 -5.23 19.30
N THR A 264 12.94 -6.46 18.93
CA THR A 264 13.89 -7.15 19.81
C THR A 264 14.63 -7.60 18.56
N VAL A 265 14.08 -7.33 17.37
CA VAL A 265 14.72 -7.79 16.15
C VAL A 265 16.00 -7.01 15.85
N PHE A 266 16.09 -5.75 16.28
CA PHE A 266 17.24 -4.95 15.86
C PHE A 266 18.53 -5.40 16.55
N GLN A 267 18.44 -5.76 17.84
CA GLN A 267 19.58 -6.39 18.52
C GLN A 267 20.03 -7.63 17.76
N TRP A 268 19.09 -8.40 17.23
CA TRP A 268 19.44 -9.58 16.44
C TRP A 268 20.03 -9.19 15.09
N LEU A 269 19.45 -8.17 14.44
CA LEU A 269 20.00 -7.74 13.16
C LEU A 269 21.42 -7.21 13.32
N ASP A 270 21.72 -6.57 14.45
CA ASP A 270 23.06 -6.06 14.73
C ASP A 270 24.12 -7.15 14.82
N GLN A 271 23.72 -8.42 14.90
CA GLN A 271 24.67 -9.53 14.94
C GLN A 271 24.86 -10.18 13.59
N GLN A 272 24.26 -9.62 12.54
CA GLN A 272 24.40 -10.30 11.25
C GLN A 272 25.35 -9.52 10.35
N PRO A 273 26.03 -10.19 9.42
CA PRO A 273 26.87 -9.46 8.47
C PRO A 273 26.03 -8.60 7.56
N PRO A 274 26.61 -7.58 6.94
CA PRO A 274 25.86 -6.72 6.01
C PRO A 274 25.19 -7.52 4.90
N SER A 275 23.93 -7.16 4.61
CA SER A 275 23.18 -7.69 3.46
C SER A 275 23.01 -9.20 3.49
N SER A 276 23.07 -9.81 4.67
CA SER A 276 23.01 -11.27 4.79
C SER A 276 21.62 -11.80 5.14
N VAL A 277 20.64 -10.92 5.38
CA VAL A 277 19.35 -11.32 5.98
C VAL A 277 18.22 -11.09 4.99
N LEU A 278 17.39 -12.12 4.80
CA LEU A 278 16.15 -11.99 4.03
C LEU A 278 15.01 -11.60 4.97
N TYR A 279 14.39 -10.45 4.71
CA TYR A 279 13.20 -10.04 5.43
C TYR A 279 11.98 -10.60 4.71
N VAL A 280 11.08 -11.22 5.45
CA VAL A 280 9.92 -11.89 4.85
C VAL A 280 8.66 -11.40 5.54
N SER A 281 7.70 -10.92 4.75
CA SER A 281 6.41 -10.48 5.29
C SER A 281 5.40 -10.50 4.17
N PHE A 282 4.29 -11.21 4.38
CA PHE A 282 3.28 -11.34 3.34
C PHE A 282 2.07 -10.44 3.56
N GLY A 283 2.21 -9.37 4.32
CA GLY A 283 1.23 -8.29 4.34
C GLY A 283 0.48 -8.21 5.65
N SER A 284 -0.60 -7.45 5.64
CA SER A 284 -1.42 -7.28 6.83
C SER A 284 -2.77 -7.98 6.76
N THR A 285 -3.13 -8.65 5.64
CA THR A 285 -4.37 -9.42 5.63
C THR A 285 -4.34 -10.75 4.90
N SER A 286 -3.22 -11.14 4.34
CA SER A 286 -3.18 -12.33 3.55
C SER A 286 -3.15 -13.56 4.43
N GLU A 287 -3.72 -14.62 3.92
CA GLU A 287 -3.84 -15.86 4.65
C GLU A 287 -3.38 -16.99 3.77
N VAL A 288 -2.85 -18.01 4.38
CA VAL A 288 -2.36 -19.11 3.61
C VAL A 288 -2.81 -20.45 4.23
N ASP A 289 -2.81 -21.48 3.40
CA ASP A 289 -3.01 -22.84 3.83
C ASP A 289 -1.89 -23.30 4.68
N GLU A 290 -2.18 -24.18 5.61
CA GLU A 290 -1.13 -24.99 6.20
C GLU A 290 -0.21 -25.60 5.19
N LYS A 291 -0.69 -26.12 4.09
CA LYS A 291 0.28 -26.79 3.23
C LYS A 291 1.30 -25.79 2.70
N ASP A 292 0.84 -24.62 2.26
CA ASP A 292 1.74 -23.65 1.65
C ASP A 292 2.61 -22.96 2.69
N PHE A 293 2.08 -22.73 3.89
CA PHE A 293 2.89 -22.20 4.98
C PHE A 293 4.10 -23.08 5.23
N LEU A 294 3.87 -24.38 5.42
CA LEU A 294 4.99 -25.30 5.65
C LEU A 294 5.93 -25.35 4.47
N GLU A 295 5.43 -25.22 3.25
CA GLU A 295 6.29 -25.22 2.10
C GLU A 295 7.19 -23.97 2.05
N ILE A 296 6.66 -22.85 2.47
CA ILE A 296 7.39 -21.59 2.55
C ILE A 296 8.50 -21.69 3.59
N ALA A 297 8.20 -22.24 4.74
CA ALA A 297 9.21 -22.54 5.72
C ALA A 297 10.34 -23.40 5.17
N ARG A 298 10.00 -24.43 4.42
CA ARG A 298 10.96 -25.30 3.82
C ARG A 298 11.87 -24.59 2.86
N GLY A 299 11.30 -23.80 1.97
CA GLY A 299 12.09 -23.03 1.05
C GLY A 299 13.02 -22.04 1.72
N LEU A 300 12.55 -21.40 2.75
CA LEU A 300 13.41 -20.51 3.53
C LEU A 300 14.60 -21.28 4.10
N VAL A 301 14.34 -22.45 4.70
CA VAL A 301 15.41 -23.28 5.22
C VAL A 301 16.34 -23.71 4.09
N ASP A 302 15.77 -24.19 2.99
CA ASP A 302 16.56 -24.68 1.87
C ASP A 302 17.48 -23.61 1.30
N SER A 303 17.12 -22.33 1.45
CA SER A 303 17.93 -21.27 0.84
C SER A 303 19.27 -21.10 1.54
N LYS A 304 19.37 -21.51 2.80
CA LYS A 304 20.59 -21.39 3.61
C LYS A 304 20.86 -19.96 4.01
N GLN A 305 19.96 -19.02 3.72
CA GLN A 305 20.13 -17.63 4.13
C GLN A 305 19.50 -17.39 5.50
N SER A 306 20.06 -16.43 6.22
CA SER A 306 19.39 -15.92 7.41
C SER A 306 18.09 -15.22 7.01
N PHE A 307 17.08 -15.32 7.87
CA PHE A 307 15.84 -14.64 7.56
C PHE A 307 15.14 -14.20 8.82
N LEU A 308 14.40 -13.11 8.67
CA LEU A 308 13.52 -12.57 9.69
C LEU A 308 12.13 -12.54 9.10
N TRP A 309 11.22 -13.37 9.64
CA TRP A 309 9.93 -13.63 9.01
C TRP A 309 8.82 -13.10 9.91
N VAL A 310 8.13 -12.06 9.45
CA VAL A 310 6.93 -11.55 10.12
C VAL A 310 5.76 -12.45 9.74
N VAL A 311 5.19 -13.14 10.72
CA VAL A 311 4.00 -13.95 10.51
C VAL A 311 2.89 -13.34 11.35
N ARG A 312 1.93 -12.74 10.68
CA ARG A 312 0.77 -12.18 11.36
C ARG A 312 -0.08 -13.31 11.94
N PRO A 313 -0.48 -13.24 13.20
CA PRO A 313 -1.41 -14.23 13.73
C PRO A 313 -2.64 -14.30 12.84
N GLY A 314 -2.99 -15.51 12.42
CA GLY A 314 -4.04 -15.70 11.46
C GLY A 314 -3.55 -15.88 10.04
N PHE A 315 -2.25 -15.66 9.80
CA PHE A 315 -1.71 -15.89 8.46
C PHE A 315 -1.88 -17.34 8.03
N VAL A 316 -1.93 -18.27 8.98
CA VAL A 316 -2.03 -19.69 8.65
C VAL A 316 -3.47 -20.15 8.87
N LYS A 317 -4.06 -20.75 7.85
CA LYS A 317 -5.39 -21.37 7.98
C LYS A 317 -5.27 -22.84 8.41
N GLY A 318 -5.78 -23.15 9.59
CA GLY A 318 -6.39 -22.17 10.45
C GLY A 318 -5.85 -22.33 11.86
N SER A 319 -4.54 -22.13 11.97
CA SER A 319 -3.89 -22.06 13.27
C SER A 319 -3.92 -20.62 13.78
N THR A 320 -3.76 -20.45 15.08
CA THR A 320 -3.84 -19.13 15.64
C THR A 320 -2.59 -18.25 15.39
N TRP A 321 -1.47 -18.90 15.15
CA TRP A 321 -0.21 -18.26 14.76
C TRP A 321 0.49 -19.52 14.35
N VAL A 322 1.82 -19.55 14.33
CA VAL A 322 2.52 -20.70 13.78
C VAL A 322 2.66 -22.10 14.32
N GLU A 323 1.55 -22.61 14.82
CA GLU A 323 1.51 -23.90 15.46
C GLU A 323 1.96 -25.07 14.62
N PRO A 324 1.63 -25.08 13.34
CA PRO A 324 2.07 -26.21 12.55
C PRO A 324 3.57 -26.34 12.45
N LEU A 325 4.28 -25.35 12.95
CA LEU A 325 5.69 -25.31 12.77
C LEU A 325 6.39 -26.04 13.88
N PRO A 326 7.12 -27.07 13.52
CA PRO A 326 7.85 -27.84 14.53
C PRO A 326 8.80 -26.93 15.28
N ASP A 327 8.91 -27.05 16.59
CA ASP A 327 9.75 -26.16 17.39
C ASP A 327 11.20 -26.30 16.99
N GLY A 328 11.90 -25.18 16.84
CA GLY A 328 13.24 -25.20 16.32
C GLY A 328 13.47 -25.44 14.84
N PHE A 329 12.41 -25.62 14.07
CA PHE A 329 12.47 -25.82 12.65
C PHE A 329 13.06 -24.58 11.96
N LEU A 330 13.77 -24.81 10.89
CA LEU A 330 15.15 -24.71 10.92
C LEU A 330 15.48 -23.30 11.26
N GLY A 331 16.05 -23.18 12.43
CA GLY A 331 17.48 -23.07 12.32
C GLY A 331 18.07 -22.09 13.27
N GLU A 332 19.39 -21.96 13.22
CA GLU A 332 19.98 -20.83 13.84
C GLU A 332 19.83 -19.65 12.93
N ARG A 333 19.50 -19.83 11.67
CA ARG A 333 19.60 -18.60 10.90
C ARG A 333 18.29 -17.82 10.80
N GLY A 334 17.17 -18.38 11.27
CA GLY A 334 15.86 -17.79 11.04
C GLY A 334 15.14 -17.42 12.32
N ARG A 335 14.33 -16.36 12.23
CA ARG A 335 13.50 -15.90 13.33
C ARG A 335 12.10 -15.62 12.81
N ILE A 336 11.09 -15.92 13.63
CA ILE A 336 9.71 -15.56 13.34
C ILE A 336 9.24 -14.57 14.40
N VAL A 337 8.59 -13.50 13.95
CA VAL A 337 8.00 -12.50 14.84
C VAL A 337 6.61 -12.15 14.31
N LYS A 338 5.86 -11.41 15.12
CA LYS A 338 4.50 -11.04 14.80
C LYS A 338 4.41 -9.73 14.02
N TRP A 339 5.35 -8.81 14.26
CA TRP A 339 5.20 -7.46 13.71
C TRP A 339 6.45 -6.67 14.03
N VAL A 340 6.90 -5.84 13.08
CA VAL A 340 8.10 -5.02 13.27
C VAL A 340 7.85 -3.61 12.74
N PRO A 341 8.71 -2.66 13.02
CA PRO A 341 8.69 -1.42 12.26
C PRO A 341 9.29 -1.71 10.89
N GLN A 342 8.45 -1.95 9.89
CA GLN A 342 8.95 -2.61 8.68
C GLN A 342 9.98 -1.78 7.95
N GLN A 343 9.69 -0.50 7.69
CA GLN A 343 10.65 0.27 6.89
C GLN A 343 11.97 0.44 7.64
N GLU A 344 11.90 0.60 8.96
CA GLU A 344 13.14 0.68 9.74
C GLU A 344 13.93 -0.61 9.64
N VAL A 345 13.25 -1.76 9.51
CA VAL A 345 13.98 -3.01 9.31
C VAL A 345 14.62 -3.02 7.93
N LEU A 346 13.86 -2.61 6.91
CA LEU A 346 14.40 -2.59 5.55
C LEU A 346 15.62 -1.69 5.44
N ALA A 347 15.67 -0.60 6.21
CA ALA A 347 16.81 0.31 6.27
C ALA A 347 18.03 -0.25 7.01
N HIS A 348 17.89 -1.34 7.77
CA HIS A 348 19.02 -1.88 8.52
C HIS A 348 20.07 -2.49 7.59
N GLY A 349 21.35 -2.27 7.92
CA GLY A 349 22.44 -2.76 7.10
C GLY A 349 22.45 -4.26 6.88
N ALA A 350 21.84 -5.04 7.79
CA ALA A 350 21.86 -6.50 7.63
C ALA A 350 20.92 -6.99 6.53
N ILE A 351 19.93 -6.21 6.11
CA ILE A 351 18.92 -6.71 5.17
C ILE A 351 19.50 -6.74 3.76
N GLY A 352 19.45 -7.91 3.12
CA GLY A 352 19.90 -8.03 1.74
C GLY A 352 18.77 -8.18 0.73
N ALA A 353 17.58 -8.56 1.18
CA ALA A 353 16.47 -8.76 0.26
C ALA A 353 15.19 -8.82 1.07
N PHE A 354 14.07 -8.69 0.37
CA PHE A 354 12.76 -8.58 0.98
C PHE A 354 11.86 -9.52 0.18
N TRP A 355 11.39 -10.60 0.80
CA TRP A 355 10.36 -11.44 0.20
C TRP A 355 9.01 -10.88 0.63
N THR A 356 8.29 -10.30 -0.32
CA THR A 356 7.09 -9.52 -0.05
C THR A 356 5.89 -10.12 -0.78
N HIS A 357 4.68 -9.78 -0.30
CA HIS A 357 3.47 -10.10 -1.03
C HIS A 357 3.14 -9.06 -2.09
N SER A 358 3.97 -8.03 -2.25
CA SER A 358 3.82 -7.00 -3.26
C SER A 358 2.74 -5.99 -2.94
N GLY A 359 2.29 -5.86 -1.68
CA GLY A 359 1.50 -4.70 -1.33
C GLY A 359 2.24 -3.45 -1.75
N TRP A 360 1.52 -2.36 -2.11
CA TRP A 360 2.22 -1.21 -2.68
C TRP A 360 3.10 -0.51 -1.64
N ASN A 361 2.61 -0.36 -0.40
CA ASN A 361 3.43 0.28 0.62
C ASN A 361 4.73 -0.48 0.86
N SER A 362 4.64 -1.81 1.01
CA SER A 362 5.85 -2.59 1.22
C SER A 362 6.77 -2.49 0.00
N THR A 363 6.20 -2.56 -1.20
CA THR A 363 7.03 -2.46 -2.39
C THR A 363 7.76 -1.12 -2.43
N LEU A 364 7.02 -0.03 -2.22
CA LEU A 364 7.63 1.29 -2.31
C LEU A 364 8.64 1.51 -1.19
N GLU A 365 8.33 1.04 0.02
CA GLU A 365 9.28 1.14 1.13
C GLU A 365 10.60 0.45 0.77
N SER A 366 10.50 -0.74 0.18
CA SER A 366 11.69 -1.49 -0.20
C SER A 366 12.49 -0.75 -1.28
N VAL A 367 11.80 -0.22 -2.29
CA VAL A 367 12.46 0.61 -3.31
C VAL A 367 13.15 1.81 -2.67
N CYS A 368 12.48 2.45 -1.72
CA CYS A 368 13.05 3.65 -1.11
C CYS A 368 14.24 3.35 -0.21
N GLU A 369 14.33 2.12 0.31
CA GLU A 369 15.49 1.70 1.09
C GLU A 369 16.48 0.89 0.26
N GLY A 370 16.23 0.73 -1.03
CA GLY A 370 17.22 0.09 -1.88
C GLY A 370 17.35 -1.40 -1.70
N VAL A 371 16.29 -2.08 -1.27
CA VAL A 371 16.30 -3.51 -1.00
C VAL A 371 15.65 -4.25 -2.16
N PRO A 372 16.36 -5.13 -2.86
CA PRO A 372 15.73 -5.91 -3.93
C PRO A 372 14.79 -6.95 -3.34
N MET A 373 13.93 -7.49 -4.19
CA MET A 373 12.75 -8.18 -3.70
C MET A 373 12.59 -9.54 -4.36
N ILE A 374 11.97 -10.45 -3.61
CA ILE A 374 11.32 -11.64 -4.14
C ILE A 374 9.83 -11.42 -4.01
N PHE A 375 9.07 -11.66 -5.07
CA PHE A 375 7.64 -11.31 -5.10
C PHE A 375 6.76 -12.56 -5.07
N SER A 376 5.84 -12.59 -4.10
CA SER A 376 4.60 -13.36 -4.18
C SER A 376 3.44 -12.38 -4.26
N ASP A 377 2.21 -12.90 -4.31
CA ASP A 377 1.04 -12.03 -4.38
C ASP A 377 -0.21 -12.79 -3.93
N PHE A 378 -1.19 -12.03 -3.45
CA PHE A 378 -2.49 -12.54 -3.04
C PHE A 378 -3.59 -11.78 -3.76
N GLY A 379 -3.39 -11.51 -5.05
CA GLY A 379 -4.39 -10.82 -5.84
C GLY A 379 -4.39 -9.30 -5.64
N LEU A 380 -5.54 -8.70 -5.96
CA LEU A 380 -5.70 -7.25 -6.01
C LEU A 380 -4.59 -6.62 -6.86
N ASP A 381 -4.02 -5.50 -6.42
CA ASP A 381 -2.96 -4.87 -7.19
C ASP A 381 -1.62 -5.59 -7.08
N GLN A 382 -1.49 -6.57 -6.18
CA GLN A 382 -0.19 -7.18 -5.91
C GLN A 382 0.45 -7.86 -7.11
N PRO A 383 -0.26 -8.63 -7.94
CA PRO A 383 0.42 -9.22 -9.11
C PRO A 383 0.91 -8.19 -10.12
N LEU A 384 0.23 -7.05 -10.25
CA LEU A 384 0.72 -6.01 -11.14
C LEU A 384 1.96 -5.33 -10.55
N ASN A 385 1.97 -5.06 -9.25
CA ASN A 385 3.18 -4.52 -8.63
C ASN A 385 4.36 -5.46 -8.88
N ALA A 386 4.15 -6.75 -8.63
CA ALA A 386 5.21 -7.74 -8.80
C ALA A 386 5.70 -7.77 -10.24
N ARG A 387 4.78 -7.71 -11.20
CA ARG A 387 5.18 -7.79 -12.60
C ARG A 387 5.97 -6.55 -13.01
N TYR A 388 5.49 -5.37 -12.63
CA TYR A 388 6.17 -4.12 -12.98
C TYR A 388 7.56 -4.06 -12.38
N MET A 389 7.70 -4.38 -11.08
CA MET A 389 9.00 -4.29 -10.43
C MET A 389 9.97 -5.30 -10.99
N SER A 390 9.50 -6.52 -11.28
CA SER A 390 10.44 -7.56 -11.70
C SER A 390 10.77 -7.45 -13.18
N ASP A 391 9.85 -6.97 -14.02
CA ASP A 391 10.08 -6.94 -15.46
C ASP A 391 10.39 -5.56 -16.02
N VAL A 392 9.87 -4.49 -15.43
CA VAL A 392 10.15 -3.15 -15.94
C VAL A 392 11.36 -2.56 -15.22
N LEU A 393 11.23 -2.34 -13.91
CA LEU A 393 12.37 -1.82 -13.15
C LEU A 393 13.47 -2.87 -12.99
N LYS A 394 13.10 -4.14 -12.86
CA LYS A 394 14.03 -5.26 -12.63
C LYS A 394 14.77 -5.12 -11.30
N VAL A 395 14.00 -4.97 -10.22
CA VAL A 395 14.53 -4.89 -8.87
C VAL A 395 14.12 -6.10 -8.04
N GLY A 396 13.62 -7.17 -8.66
CA GLY A 396 13.29 -8.37 -7.91
C GLY A 396 12.93 -9.49 -8.87
N VAL A 397 12.67 -10.67 -8.29
CA VAL A 397 12.22 -11.83 -9.06
C VAL A 397 10.84 -12.25 -8.56
N TYR A 398 9.97 -12.61 -9.49
CA TYR A 398 8.57 -12.94 -9.22
C TYR A 398 8.41 -14.45 -9.18
N LEU A 399 8.04 -14.98 -8.02
CA LEU A 399 7.63 -16.39 -7.90
C LEU A 399 6.15 -16.44 -8.26
N GLU A 400 5.87 -16.63 -9.55
CA GLU A 400 4.54 -16.47 -10.11
C GLU A 400 3.81 -17.79 -10.36
N ASN A 401 4.29 -18.88 -9.75
CA ASN A 401 3.72 -20.21 -9.95
C ASN A 401 3.53 -20.92 -8.62
N GLY A 402 2.96 -20.22 -7.64
CA GLY A 402 2.70 -20.85 -6.36
C GLY A 402 3.93 -20.93 -5.47
N TRP A 403 3.94 -21.95 -4.62
CA TRP A 403 4.98 -22.14 -3.61
C TRP A 403 5.60 -23.52 -3.72
N GLU A 404 6.73 -23.63 -4.40
CA GLU A 404 7.54 -24.84 -4.44
C GLU A 404 8.87 -24.55 -3.77
N ARG A 405 9.26 -25.41 -2.83
CA ARG A 405 10.40 -25.14 -1.97
C ARG A 405 11.68 -24.92 -2.76
N GLY A 406 11.90 -25.72 -3.81
CA GLY A 406 13.11 -25.57 -4.60
C GLY A 406 13.14 -24.26 -5.37
N GLU A 407 12.00 -23.83 -5.90
CA GLU A 407 11.96 -22.55 -6.61
C GLU A 407 12.16 -21.38 -5.64
N ILE A 408 11.58 -21.48 -4.43
CA ILE A 408 11.76 -20.46 -3.42
C ILE A 408 13.24 -20.29 -3.09
N ALA A 409 13.94 -21.40 -2.85
CA ALA A 409 15.34 -21.34 -2.46
C ALA A 409 16.19 -20.74 -3.58
N ASN A 410 15.85 -21.04 -4.84
CA ASN A 410 16.62 -20.50 -5.95
C ASN A 410 16.40 -19.00 -6.10
N ALA A 411 15.15 -18.55 -5.95
CA ALA A 411 14.88 -17.12 -6.04
C ALA A 411 15.61 -16.35 -4.95
N ILE A 412 15.61 -16.88 -3.72
CA ILE A 412 16.28 -16.19 -2.62
C ILE A 412 17.77 -16.08 -2.88
N ARG A 413 18.40 -17.16 -3.36
CA ARG A 413 19.83 -17.11 -3.59
C ARG A 413 20.16 -16.25 -4.80
N ARG A 414 19.32 -16.31 -5.83
CA ARG A 414 19.59 -15.49 -7.01
C ARG A 414 19.65 -14.01 -6.64
N VAL A 415 18.71 -13.54 -5.82
CA VAL A 415 18.73 -12.14 -5.43
C VAL A 415 19.86 -11.86 -4.44
N MET A 416 20.04 -12.74 -3.46
CA MET A 416 20.92 -12.40 -2.34
C MET A 416 22.38 -12.72 -2.57
N VAL A 417 22.71 -13.78 -3.31
CA VAL A 417 24.11 -14.20 -3.37
C VAL A 417 24.64 -14.40 -4.79
N ASP A 418 23.85 -15.04 -5.66
CA ASP A 418 24.35 -15.38 -7.00
C ASP A 418 24.96 -14.18 -7.70
N GLU A 419 26.10 -14.40 -8.36
CA GLU A 419 26.63 -13.36 -9.25
C GLU A 419 25.60 -12.96 -10.29
N GLU A 420 24.81 -13.93 -10.77
CA GLU A 420 23.82 -13.64 -11.80
C GLU A 420 22.77 -12.64 -11.33
N GLY A 421 22.60 -12.46 -10.02
CA GLY A 421 21.63 -11.52 -9.49
C GLY A 421 22.19 -10.16 -9.16
N GLU A 422 23.49 -9.95 -9.40
CA GLU A 422 24.11 -8.67 -9.08
C GLU A 422 23.38 -7.51 -9.75
N TYR A 423 22.97 -7.67 -11.01
CA TYR A 423 22.32 -6.55 -11.68
C TYR A 423 21.01 -6.17 -11.00
N ILE A 424 20.33 -7.15 -10.40
CA ILE A 424 19.12 -6.84 -9.63
C ILE A 424 19.48 -6.06 -8.37
N ARG A 425 20.50 -6.52 -7.64
CA ARG A 425 20.93 -5.79 -6.46
C ARG A 425 21.34 -4.37 -6.84
N GLN A 426 22.06 -4.22 -7.96
CA GLN A 426 22.52 -2.90 -8.36
C GLN A 426 21.37 -2.01 -8.81
N ASN A 427 20.39 -2.60 -9.53
CA ASN A 427 19.21 -1.83 -9.91
C ASN A 427 18.50 -1.26 -8.69
N ALA A 428 18.43 -2.03 -7.61
CA ALA A 428 17.73 -1.57 -6.42
C ALA A 428 18.48 -0.41 -5.76
N ARG A 429 19.82 -0.48 -5.72
CA ARG A 429 20.59 0.63 -5.17
C ARG A 429 20.35 1.90 -5.99
N VAL A 430 20.39 1.77 -7.31
CA VAL A 430 20.24 2.95 -8.18
C VAL A 430 18.83 3.52 -8.05
N LEU A 431 17.82 2.65 -7.97
CA LEU A 431 16.46 3.14 -7.86
C LEU A 431 16.26 3.92 -6.56
N LYS A 432 16.84 3.44 -5.46
CA LYS A 432 16.85 4.22 -4.22
C LYS A 432 17.49 5.58 -4.43
N GLN A 433 18.62 5.61 -5.13
CA GLN A 433 19.26 6.89 -5.38
C GLN A 433 18.36 7.82 -6.20
N LYS A 434 17.65 7.27 -7.20
CA LYS A 434 16.74 8.11 -7.96
C LYS A 434 15.63 8.67 -7.08
N ALA A 435 15.15 7.86 -6.13
CA ALA A 435 14.14 8.35 -5.19
C ALA A 435 14.71 9.50 -4.35
N ASP A 436 15.92 9.32 -3.81
CA ASP A 436 16.54 10.39 -3.04
C ASP A 436 16.72 11.64 -3.88
N VAL A 437 17.21 11.48 -5.11
CA VAL A 437 17.45 12.66 -5.94
C VAL A 437 16.14 13.37 -6.24
N SER A 438 15.04 12.62 -6.36
CA SER A 438 13.77 13.26 -6.67
C SER A 438 13.31 14.20 -5.58
N LEU A 439 13.82 14.07 -4.35
CA LEU A 439 13.47 14.99 -3.27
C LEU A 439 14.36 16.25 -3.22
N MET A 440 15.45 16.29 -3.98
CA MET A 440 16.26 17.49 -4.00
C MET A 440 15.56 18.60 -4.79
N LYS A 441 15.92 19.85 -4.48
CA LYS A 441 15.44 20.98 -5.26
C LYS A 441 15.59 20.69 -6.74
N GLY A 442 14.55 20.99 -7.51
CA GLY A 442 14.51 20.66 -8.92
C GLY A 442 14.16 19.21 -9.23
N GLY A 443 14.14 18.32 -8.24
CA GLY A 443 13.70 16.97 -8.49
C GLY A 443 12.20 16.85 -8.62
N SER A 444 11.76 15.74 -9.22
CA SER A 444 10.34 15.57 -9.56
C SER A 444 9.45 15.63 -8.31
N SER A 445 9.86 14.92 -7.24
CA SER A 445 9.01 14.86 -6.05
C SER A 445 9.02 16.18 -5.29
N TYR A 446 10.18 16.81 -5.18
CA TYR A 446 10.24 18.15 -4.57
C TYR A 446 9.31 19.13 -5.28
N GLU A 447 9.32 19.13 -6.62
CA GLU A 447 8.47 20.05 -7.36
C GLU A 447 6.99 19.69 -7.18
N SER A 448 6.65 18.40 -7.16
CA SER A 448 5.27 17.99 -6.91
C SER A 448 4.80 18.44 -5.55
N LEU A 449 5.67 18.32 -4.53
CA LEU A 449 5.27 18.77 -3.21
C LEU A 449 5.15 20.28 -3.14
N GLU A 450 6.04 21.02 -3.82
CA GLU A 450 5.92 22.47 -3.81
C GLU A 450 4.63 22.91 -4.50
N SER A 451 4.28 22.27 -5.62
CA SER A 451 3.04 22.62 -6.32
C SER A 451 1.81 22.25 -5.51
N LEU A 452 1.84 21.11 -4.81
CA LEU A 452 0.72 20.71 -3.98
C LEU A 452 0.44 21.75 -2.89
N VAL A 453 1.49 22.17 -2.18
CA VAL A 453 1.30 23.15 -1.11
C VAL A 453 0.75 24.45 -1.66
N SER A 454 1.33 24.93 -2.76
CA SER A 454 0.84 26.14 -3.41
C SER A 454 -0.61 25.97 -3.84
N TYR A 455 -0.92 24.85 -4.48
CA TYR A 455 -2.29 24.60 -4.93
C TYR A 455 -3.28 24.61 -3.78
N ILE A 456 -2.97 23.88 -2.71
CA ILE A 456 -3.90 23.79 -1.57
C ILE A 456 -4.07 25.17 -0.93
N SER A 457 -2.99 25.95 -0.86
CA SER A 457 -3.09 27.28 -0.27
C SER A 457 -3.97 28.20 -1.08
N SER A 458 -4.14 27.92 -2.37
CA SER A 458 -4.97 28.73 -3.25
C SER A 458 -6.46 28.40 -3.15
N LEU A 459 -6.81 27.14 -2.83
CA LEU A 459 -8.21 26.77 -2.68
C LEU A 459 -8.88 27.59 -1.58
N THR A 460 -8.11 28.00 -0.59
CA THR A 460 -8.61 28.61 0.63
C THR A 460 -9.18 30.00 0.37
#